data_4FJ3
#
_entry.id   4FJ3
#
_cell.length_a   72.140
_cell.length_b   102.430
_cell.length_c   113.890
_cell.angle_alpha   90.000
_cell.angle_beta   90.000
_cell.angle_gamma   90.000
#
_symmetry.space_group_name_H-M   'P 21 21 21'
#
loop_
_entity.id
_entity.type
_entity.pdbx_description
1 polymer '14-3-3 protein zeta/delta'
2 polymer 'RAF proto-oncogene serine/threonine-protein kinase'
3 water water
#
loop_
_entity_poly.entity_id
_entity_poly.type
_entity_poly.pdbx_seq_one_letter_code
_entity_poly.pdbx_strand_id
1 'polypeptide(L)'
;GAMGSMDKNELVQKAKLAEQAERYDDMAACMKSVTEQGAELSNEERNLLSVAYKNVVGARRSSWRVVSSIEQKTEGAEKK
QQMAREYREKIETELRDICNDVLSLLEKFLIPNASQAESKVFYLKMKGDYYRYLAEVAAGDDKKGIVDQSQQAYQEAFEI
SKKEMQPTHPIRLGLALNFSVFYYEILNSPEKACSLAKTAFDEAIAELDTLSEESYKDSTLIMQLLRDNLTLWTS
;
A,B
2 'polypeptide(L)' QHRY(SEP)TPHAFTFNTSSPSSEGSLSQRQRST(SEP)TPNVH P
#
# COMPACT_ATOMS: atom_id res chain seq x y z
N ASP A 7 11.92 -20.50 15.55
CA ASP A 7 11.58 -19.99 16.92
C ASP A 7 10.34 -19.05 16.93
N LYS A 8 9.29 -19.41 17.69
CA LYS A 8 8.05 -18.59 17.77
C LYS A 8 8.35 -17.18 18.17
N ASN A 9 9.00 -16.97 19.31
CA ASN A 9 9.10 -15.64 19.84
C ASN A 9 9.79 -14.66 18.86
N GLU A 10 10.77 -15.16 18.09
CA GLU A 10 11.50 -14.27 17.21
C GLU A 10 10.69 -14.02 15.94
N LEU A 11 9.90 -15.02 15.50
CA LEU A 11 8.91 -14.81 14.39
C LEU A 11 7.87 -13.76 14.67
N VAL A 12 7.41 -13.75 15.91
CA VAL A 12 6.47 -12.76 16.37
C VAL A 12 7.10 -11.37 16.41
N GLN A 13 8.36 -11.25 16.90
CA GLN A 13 9.09 -9.97 16.85
CA GLN A 13 8.96 -9.91 16.86
C GLN A 13 9.25 -9.46 15.42
N LYS A 14 9.59 -10.39 14.51
CA LYS A 14 9.73 -10.04 13.06
C LYS A 14 8.37 -9.56 12.47
N ALA A 15 7.29 -10.22 12.86
CA ALA A 15 5.93 -9.80 12.39
C ALA A 15 5.62 -8.38 12.90
N LYS A 16 6.05 -8.05 14.13
CA LYS A 16 5.74 -6.70 14.65
C LYS A 16 6.56 -5.63 13.93
N LEU A 17 7.74 -6.04 13.52
CA LEU A 17 8.63 -5.11 12.83
C LEU A 17 8.12 -4.90 11.40
N ALA A 18 7.77 -5.98 10.73
CA ALA A 18 7.09 -5.93 9.39
C ALA A 18 5.88 -5.01 9.45
N GLU A 19 5.05 -5.19 10.49
CA GLU A 19 3.89 -4.32 10.69
CA GLU A 19 3.89 -4.32 10.66
C GLU A 19 4.27 -2.86 10.79
N GLN A 20 5.29 -2.56 11.61
CA GLN A 20 5.78 -1.18 11.73
CA GLN A 20 5.72 -1.16 11.72
C GLN A 20 6.23 -0.60 10.39
N ALA A 21 6.91 -1.43 9.62
CA ALA A 21 7.41 -1.06 8.27
C ALA A 21 6.31 -1.07 7.18
N GLU A 22 5.08 -1.45 7.56
CA GLU A 22 3.93 -1.55 6.63
C GLU A 22 4.26 -2.53 5.50
N ARG A 23 4.91 -3.62 5.87
CA ARG A 23 5.28 -4.67 4.91
C ARG A 23 4.39 -5.87 5.27
N TYR A 24 3.15 -5.85 4.79
CA TYR A 24 2.19 -6.83 5.33
C TYR A 24 2.38 -8.21 4.77
N ASP A 25 2.95 -8.33 3.58
CA ASP A 25 3.24 -9.70 3.06
C ASP A 25 4.28 -10.38 3.94
N ASP A 26 5.34 -9.64 4.31
CA ASP A 26 6.34 -10.15 5.27
C ASP A 26 5.64 -10.51 6.59
N MET A 27 4.80 -9.60 7.06
CA MET A 27 4.06 -9.82 8.34
C MET A 27 3.24 -11.12 8.28
N ALA A 28 2.51 -11.31 7.18
CA ALA A 28 1.70 -12.53 7.02
C ALA A 28 2.56 -13.79 6.98
N ALA A 29 3.69 -13.75 6.27
CA ALA A 29 4.59 -14.95 6.16
C ALA A 29 5.08 -15.36 7.57
N CYS A 30 5.46 -14.38 8.40
CA CYS A 30 5.87 -14.64 9.78
C CYS A 30 4.77 -15.27 10.64
N MET A 31 3.54 -14.72 10.55
CA MET A 31 2.41 -15.28 11.28
C MET A 31 1.96 -16.62 10.74
N LYS A 32 2.11 -16.86 9.43
CA LYS A 32 1.81 -18.18 8.87
C LYS A 32 2.79 -19.19 9.51
N SER A 33 4.07 -18.81 9.57
CA SER A 33 5.07 -19.75 10.17
C SER A 33 4.77 -20.02 11.64
N VAL A 34 4.36 -19.00 12.40
CA VAL A 34 4.02 -19.13 13.84
C VAL A 34 2.88 -20.16 13.93
N THR A 35 1.83 -19.96 13.12
CA THR A 35 0.69 -20.85 13.14
C THR A 35 1.10 -22.30 12.86
N GLU A 36 1.98 -22.48 11.88
N GLU A 36 1.98 -22.48 11.88
CA GLU A 36 2.32 -23.83 11.43
CA GLU A 36 2.35 -23.81 11.41
C GLU A 36 3.20 -24.58 12.43
C GLU A 36 3.15 -24.59 12.46
N GLN A 37 3.60 -23.92 13.52
CA GLN A 37 4.30 -24.59 14.62
C GLN A 37 3.32 -25.40 15.46
N GLY A 38 2.01 -25.21 15.28
CA GLY A 38 1.01 -26.12 15.84
C GLY A 38 0.55 -25.77 17.24
N ALA A 39 1.14 -24.76 17.91
CA ALA A 39 0.60 -24.33 19.23
C ALA A 39 -0.55 -23.35 19.02
N GLU A 40 -1.52 -23.42 19.93
CA GLU A 40 -2.61 -22.46 19.98
C GLU A 40 -2.04 -20.99 20.10
N LEU A 41 -2.57 -20.08 19.28
CA LEU A 41 -2.04 -18.72 19.28
C LEU A 41 -2.56 -17.97 20.46
N SER A 42 -1.68 -17.13 21.01
CA SER A 42 -2.07 -16.18 22.05
C SER A 42 -3.01 -15.15 21.44
N ASN A 43 -3.67 -14.35 22.27
CA ASN A 43 -4.59 -13.35 21.74
C ASN A 43 -3.84 -12.34 20.91
N GLU A 44 -2.65 -11.98 21.36
CA GLU A 44 -1.77 -11.08 20.58
C GLU A 44 -1.39 -11.64 19.20
N GLU A 45 -0.98 -12.93 19.18
CA GLU A 45 -0.63 -13.60 17.95
C GLU A 45 -1.82 -13.73 16.97
N ARG A 46 -3.00 -14.07 17.52
CA ARG A 46 -4.22 -14.18 16.76
CA ARG A 46 -4.24 -14.19 16.77
C ARG A 46 -4.52 -12.86 16.09
N ASN A 47 -4.43 -11.75 16.85
CA ASN A 47 -4.67 -10.41 16.24
C ASN A 47 -3.63 -10.02 15.18
N LEU A 48 -2.38 -10.39 15.39
CA LEU A 48 -1.32 -10.14 14.37
C LEU A 48 -1.60 -10.91 13.09
N LEU A 49 -1.90 -12.20 13.23
CA LEU A 49 -2.25 -12.97 12.06
C LEU A 49 -3.43 -12.30 11.28
N SER A 50 -4.48 -11.90 12.00
CA SER A 50 -5.70 -11.36 11.40
C SER A 50 -5.36 -10.04 10.68
N VAL A 51 -4.64 -9.15 11.36
CA VAL A 51 -4.25 -7.87 10.75
C VAL A 51 -3.44 -8.04 9.45
N ALA A 52 -2.44 -8.92 9.49
CA ALA A 52 -1.57 -9.14 8.34
C ALA A 52 -2.36 -9.59 7.13
N TYR A 53 -3.17 -10.63 7.32
CA TYR A 53 -3.88 -11.17 6.16
C TYR A 53 -4.99 -10.25 5.72
N LYS A 54 -5.62 -9.53 6.67
N LYS A 54 -5.63 -9.53 6.67
CA LYS A 54 -6.68 -8.61 6.25
CA LYS A 54 -6.66 -8.55 6.28
C LYS A 54 -6.09 -7.49 5.38
C LYS A 54 -6.03 -7.55 5.32
N ASN A 55 -4.87 -7.03 5.72
CA ASN A 55 -4.17 -6.05 4.85
C ASN A 55 -3.74 -6.57 3.49
N VAL A 56 -3.21 -7.81 3.49
CA VAL A 56 -2.70 -8.44 2.24
C VAL A 56 -3.88 -8.73 1.23
N VAL A 57 -4.96 -9.32 1.75
CA VAL A 57 -6.10 -9.62 0.87
C VAL A 57 -6.83 -8.34 0.52
N GLY A 58 -6.82 -7.34 1.45
CA GLY A 58 -7.57 -6.05 1.26
C GLY A 58 -6.97 -5.30 0.06
N ALA A 59 -5.63 -5.35 -0.04
CA ALA A 59 -4.98 -4.71 -1.23
C ALA A 59 -5.53 -5.32 -2.55
N ARG A 60 -5.61 -6.66 -2.61
CA ARG A 60 -6.11 -7.32 -3.84
C ARG A 60 -7.60 -7.08 -4.07
N ARG A 61 -8.43 -7.07 -3.00
CA ARG A 61 -9.87 -6.81 -3.18
C ARG A 61 -10.06 -5.40 -3.72
N SER A 62 -9.30 -4.44 -3.16
CA SER A 62 -9.40 -3.04 -3.63
C SER A 62 -9.00 -2.96 -5.14
N SER A 63 -7.87 -3.55 -5.51
CA SER A 63 -7.44 -3.54 -6.92
C SER A 63 -8.43 -4.25 -7.85
N TRP A 64 -8.89 -5.41 -7.41
CA TRP A 64 -9.90 -6.17 -8.15
C TRP A 64 -11.12 -5.29 -8.46
N ARG A 65 -11.57 -4.54 -7.47
CA ARG A 65 -12.77 -3.73 -7.65
C ARG A 65 -12.56 -2.65 -8.72
N VAL A 66 -11.43 -2.00 -8.65
CA VAL A 66 -11.04 -0.98 -9.68
C VAL A 66 -11.03 -1.59 -11.07
N VAL A 67 -10.30 -2.71 -11.24
CA VAL A 67 -10.08 -3.22 -12.58
C VAL A 67 -11.36 -3.84 -13.14
N SER A 68 -12.11 -4.54 -12.27
CA SER A 68 -13.37 -5.16 -12.62
C SER A 68 -14.32 -4.10 -13.15
N SER A 69 -14.34 -2.97 -12.46
CA SER A 69 -15.19 -1.85 -12.81
C SER A 69 -14.90 -1.32 -14.25
N ILE A 70 -13.64 -1.04 -14.51
CA ILE A 70 -13.11 -0.74 -15.85
C ILE A 70 -13.45 -1.85 -16.86
N GLU A 71 -13.23 -3.12 -16.52
CA GLU A 71 -13.53 -4.23 -17.41
C GLU A 71 -14.97 -4.13 -17.95
N GLN A 72 -15.92 -3.87 -17.04
CA GLN A 72 -17.31 -3.74 -17.44
C GLN A 72 -17.69 -2.43 -18.09
N LYS A 73 -17.14 -1.32 -17.61
CA LYS A 73 -17.48 0.02 -18.13
C LYS A 73 -16.80 0.36 -19.49
N THR A 74 -16.28 -0.63 -20.21
CA THR A 74 -15.61 -0.41 -21.51
C THR A 74 -16.38 -1.09 -22.64
N GLU A 78 -12.52 -3.38 -26.98
CA GLU A 78 -12.45 -4.81 -27.25
C GLU A 78 -11.09 -5.40 -26.93
N LYS A 79 -10.01 -4.87 -27.52
CA LYS A 79 -8.63 -5.28 -27.14
C LYS A 79 -8.33 -4.77 -25.72
N LYS A 80 -8.86 -3.58 -25.40
CA LYS A 80 -8.76 -2.92 -24.08
C LYS A 80 -9.63 -3.67 -23.02
N GLN A 81 -10.82 -4.14 -23.43
CA GLN A 81 -11.66 -5.00 -22.53
C GLN A 81 -10.97 -6.30 -22.18
N GLN A 82 -10.36 -6.95 -23.17
CA GLN A 82 -9.63 -8.16 -22.93
C GLN A 82 -8.38 -7.99 -22.07
N MET A 83 -7.72 -6.86 -22.24
CA MET A 83 -6.55 -6.58 -21.44
C MET A 83 -6.95 -6.42 -19.98
N ALA A 84 -8.09 -5.75 -19.73
CA ALA A 84 -8.57 -5.50 -18.38
C ALA A 84 -9.02 -6.81 -17.76
N ARG A 85 -9.71 -7.62 -18.56
CA ARG A 85 -10.13 -8.94 -18.17
C ARG A 85 -8.95 -9.78 -17.72
N GLU A 86 -7.89 -9.80 -18.50
CA GLU A 86 -6.74 -10.59 -18.17
C GLU A 86 -6.06 -10.09 -16.90
N TYR A 87 -5.97 -8.78 -16.76
CA TYR A 87 -5.41 -8.21 -15.54
C TYR A 87 -6.29 -8.54 -14.29
N ARG A 88 -7.60 -8.39 -14.43
CA ARG A 88 -8.52 -8.78 -13.38
C ARG A 88 -8.29 -10.24 -12.98
N GLU A 89 -8.14 -11.12 -13.97
CA GLU A 89 -7.82 -12.54 -13.71
C GLU A 89 -6.50 -12.77 -12.93
N LYS A 90 -5.47 -11.99 -13.25
CA LYS A 90 -4.22 -12.11 -12.57
C LYS A 90 -4.38 -11.68 -11.09
N ILE A 91 -5.08 -10.57 -10.86
CA ILE A 91 -5.33 -10.09 -9.47
C ILE A 91 -6.19 -11.13 -8.71
N GLU A 92 -7.23 -11.68 -9.37
CA GLU A 92 -8.08 -12.70 -8.78
C GLU A 92 -7.29 -13.90 -8.35
N THR A 93 -6.36 -14.36 -9.19
CA THR A 93 -5.46 -15.48 -8.79
C THR A 93 -4.67 -15.17 -7.53
N GLU A 94 -4.12 -13.97 -7.40
CA GLU A 94 -3.42 -13.63 -6.19
C GLU A 94 -4.39 -13.69 -5.02
N LEU A 95 -5.57 -13.09 -5.19
CA LEU A 95 -6.55 -13.02 -4.14
C LEU A 95 -6.99 -14.42 -3.69
N ARG A 96 -7.27 -15.29 -4.68
CA ARG A 96 -7.72 -16.63 -4.39
C ARG A 96 -6.63 -17.41 -3.64
N ASP A 97 -5.39 -17.28 -4.08
CA ASP A 97 -4.27 -17.92 -3.35
C ASP A 97 -4.10 -17.45 -1.92
N ILE A 98 -4.26 -16.14 -1.70
CA ILE A 98 -4.26 -15.64 -0.32
C ILE A 98 -5.39 -16.27 0.52
N CYS A 99 -6.63 -16.22 0.00
CA CYS A 99 -7.77 -16.76 0.75
C CYS A 99 -7.54 -18.26 1.02
N ASN A 100 -7.13 -19.03 -0.01
CA ASN A 100 -6.85 -20.45 0.17
C ASN A 100 -5.79 -20.71 1.28
N ASP A 101 -4.74 -19.88 1.31
CA ASP A 101 -3.68 -19.96 2.34
CA ASP A 101 -3.70 -20.03 2.37
C ASP A 101 -4.32 -19.84 3.74
N VAL A 102 -5.09 -18.76 3.91
CA VAL A 102 -5.72 -18.48 5.21
C VAL A 102 -6.69 -19.61 5.58
N LEU A 103 -7.52 -20.02 4.61
CA LEU A 103 -8.49 -21.08 4.90
C LEU A 103 -7.80 -22.41 5.27
N SER A 104 -6.66 -22.72 4.64
CA SER A 104 -5.90 -23.93 5.07
C SER A 104 -5.43 -23.83 6.51
N LEU A 105 -4.90 -22.67 6.92
CA LEU A 105 -4.42 -22.49 8.29
C LEU A 105 -5.57 -22.64 9.28
N LEU A 106 -6.74 -22.12 8.90
CA LEU A 106 -7.93 -22.18 9.78
C LEU A 106 -8.34 -23.66 9.92
N GLU A 107 -8.34 -24.37 8.81
CA GLU A 107 -8.83 -25.79 8.81
C GLU A 107 -7.85 -26.70 9.56
N LYS A 108 -6.58 -26.49 9.31
CA LYS A 108 -5.57 -27.43 9.78
C LYS A 108 -5.08 -27.12 11.19
N PHE A 109 -5.04 -25.85 11.58
CA PHE A 109 -4.43 -25.47 12.85
C PHE A 109 -5.35 -24.68 13.77
N LEU A 110 -6.00 -23.63 13.27
CA LEU A 110 -6.59 -22.67 14.22
C LEU A 110 -7.90 -23.12 14.79
N ILE A 111 -8.83 -23.58 13.91
CA ILE A 111 -10.20 -23.96 14.37
C ILE A 111 -10.12 -25.23 15.25
N PRO A 112 -9.42 -26.30 14.80
CA PRO A 112 -9.39 -27.52 15.67
C PRO A 112 -8.69 -27.28 17.01
N ASN A 113 -7.69 -26.43 17.07
CA ASN A 113 -7.03 -26.24 18.34
C ASN A 113 -7.69 -25.22 19.28
N ALA A 114 -8.67 -24.47 18.78
CA ALA A 114 -9.18 -23.34 19.57
C ALA A 114 -9.89 -23.87 20.82
N SER A 115 -9.40 -23.52 22.01
CA SER A 115 -9.89 -24.16 23.28
C SER A 115 -10.85 -23.27 24.06
N GLN A 116 -11.14 -22.07 23.53
CA GLN A 116 -12.07 -21.13 24.20
C GLN A 116 -13.13 -20.71 23.19
N ALA A 117 -14.37 -20.44 23.64
CA ALA A 117 -15.42 -20.02 22.71
C ALA A 117 -15.01 -18.73 21.98
N GLU A 118 -14.30 -17.85 22.67
CA GLU A 118 -13.90 -16.57 22.07
C GLU A 118 -13.00 -16.79 20.84
N SER A 119 -11.99 -17.67 20.97
CA SER A 119 -11.13 -18.08 19.86
C SER A 119 -11.88 -18.81 18.79
N LYS A 120 -12.72 -19.76 19.19
CA LYS A 120 -13.41 -20.56 18.19
C LYS A 120 -14.34 -19.65 17.33
N VAL A 121 -15.03 -18.72 18.00
CA VAL A 121 -15.87 -17.76 17.25
C VAL A 121 -15.03 -16.87 16.32
N PHE A 122 -13.92 -16.41 16.83
CA PHE A 122 -13.06 -15.55 16.07
C PHE A 122 -12.60 -16.26 14.76
N TYR A 123 -12.21 -17.52 14.87
CA TYR A 123 -11.68 -18.20 13.70
C TYR A 123 -12.78 -18.66 12.75
N LEU A 124 -13.93 -19.05 13.30
CA LEU A 124 -15.05 -19.45 12.42
C LEU A 124 -15.53 -18.18 11.67
N LYS A 125 -15.56 -17.01 12.33
CA LYS A 125 -15.85 -15.75 11.64
C LYS A 125 -14.85 -15.50 10.50
N MET A 126 -13.55 -15.63 10.83
CA MET A 126 -12.48 -15.45 9.80
C MET A 126 -12.73 -16.42 8.64
N LYS A 127 -13.16 -17.66 8.93
CA LYS A 127 -13.45 -18.60 7.84
C LYS A 127 -14.63 -18.09 7.00
N GLY A 128 -15.70 -17.64 7.65
CA GLY A 128 -16.85 -16.98 6.93
C GLY A 128 -16.30 -15.85 6.09
N ASP A 129 -15.41 -15.00 6.66
CA ASP A 129 -14.88 -13.83 5.91
C ASP A 129 -14.13 -14.23 4.66
N TYR A 130 -13.20 -15.20 4.79
CA TYR A 130 -12.35 -15.49 3.63
C TYR A 130 -13.12 -16.27 2.55
N TYR A 131 -14.07 -17.12 2.94
CA TYR A 131 -14.97 -17.66 1.88
C TYR A 131 -15.84 -16.54 1.26
N ARG A 132 -16.30 -15.57 2.07
CA ARG A 132 -16.98 -14.39 1.53
C ARG A 132 -16.14 -13.61 0.49
N TYR A 133 -14.84 -13.42 0.75
CA TYR A 133 -13.96 -12.73 -0.26
C TYR A 133 -13.81 -13.57 -1.52
N LEU A 134 -13.72 -14.89 -1.37
CA LEU A 134 -13.82 -15.81 -2.57
C LEU A 134 -15.15 -15.68 -3.32
N ALA A 135 -16.25 -15.56 -2.55
CA ALA A 135 -17.60 -15.39 -3.12
C ALA A 135 -17.71 -14.10 -3.90
N GLU A 136 -17.05 -13.06 -3.45
CA GLU A 136 -17.07 -11.74 -4.18
C GLU A 136 -16.54 -11.87 -5.60
N VAL A 137 -15.62 -12.81 -5.81
CA VAL A 137 -15.01 -12.93 -7.16
C VAL A 137 -15.34 -14.25 -7.85
N ALA A 138 -16.25 -15.06 -7.29
CA ALA A 138 -16.55 -16.35 -7.88
C ALA A 138 -17.59 -16.10 -9.00
N ALA A 139 -17.45 -16.86 -10.05
CA ALA A 139 -18.40 -16.72 -11.15
C ALA A 139 -18.69 -18.12 -11.59
N GLY A 140 -19.81 -18.27 -12.27
CA GLY A 140 -20.17 -19.55 -12.85
C GLY A 140 -20.60 -20.50 -11.77
N ASP A 141 -20.00 -21.68 -11.77
CA ASP A 141 -20.59 -22.85 -11.11
C ASP A 141 -20.00 -23.01 -9.74
N ASP A 142 -18.85 -22.40 -9.51
CA ASP A 142 -18.12 -22.55 -8.26
C ASP A 142 -18.52 -21.40 -7.33
N LYS A 143 -19.76 -20.98 -7.33
CA LYS A 143 -20.11 -19.78 -6.54
C LYS A 143 -21.05 -20.27 -5.45
N LYS A 144 -22.04 -21.05 -5.86
CA LYS A 144 -23.03 -21.47 -4.89
C LYS A 144 -22.37 -22.27 -3.73
N GLY A 145 -21.39 -23.12 -4.07
CA GLY A 145 -20.67 -23.90 -3.05
C GLY A 145 -19.80 -23.02 -2.14
N ILE A 146 -19.16 -22.01 -2.72
CA ILE A 146 -18.39 -21.05 -1.92
C ILE A 146 -19.29 -20.24 -0.95
N VAL A 147 -20.38 -19.66 -1.47
CA VAL A 147 -21.40 -18.96 -0.67
C VAL A 147 -21.89 -19.85 0.51
N ASP A 148 -22.17 -21.12 0.23
CA ASP A 148 -22.63 -22.03 1.29
C ASP A 148 -21.59 -22.27 2.37
N GLN A 149 -20.31 -22.35 1.99
CA GLN A 149 -19.25 -22.53 2.99
CA GLN A 149 -19.22 -22.52 2.96
C GLN A 149 -19.11 -21.30 3.87
N SER A 150 -19.19 -20.13 3.28
CA SER A 150 -19.16 -18.88 4.07
C SER A 150 -20.34 -18.86 5.03
N GLN A 151 -21.57 -19.12 4.51
CA GLN A 151 -22.77 -19.12 5.39
C GLN A 151 -22.66 -20.10 6.57
N GLN A 152 -22.18 -21.32 6.29
CA GLN A 152 -22.10 -22.34 7.33
C GLN A 152 -21.10 -21.98 8.43
N ALA A 153 -19.97 -21.39 8.01
CA ALA A 153 -18.96 -20.92 8.96
C ALA A 153 -19.49 -19.81 9.85
N TYR A 154 -20.13 -18.79 9.25
CA TYR A 154 -20.74 -17.73 10.05
C TYR A 154 -21.83 -18.26 10.97
N GLN A 155 -22.66 -19.18 10.47
CA GLN A 155 -23.77 -19.70 11.27
C GLN A 155 -23.27 -20.44 12.50
N GLU A 156 -22.23 -21.25 12.33
CA GLU A 156 -21.63 -21.95 13.46
CA GLU A 156 -21.65 -21.96 13.46
C GLU A 156 -21.07 -20.96 14.50
N ALA A 157 -20.34 -19.97 14.02
CA ALA A 157 -19.79 -18.90 14.87
C ALA A 157 -20.94 -18.20 15.61
N PHE A 158 -22.02 -17.91 14.87
CA PHE A 158 -23.19 -17.19 15.39
C PHE A 158 -23.82 -17.98 16.57
N GLU A 159 -24.00 -19.32 16.44
CA GLU A 159 -24.64 -20.14 17.45
CA GLU A 159 -24.67 -20.03 17.53
C GLU A 159 -23.77 -20.22 18.72
N ILE A 160 -22.46 -20.43 18.52
CA ILE A 160 -21.53 -20.41 19.68
C ILE A 160 -21.54 -19.03 20.40
N SER A 161 -21.43 -17.94 19.64
CA SER A 161 -21.34 -16.61 20.28
C SER A 161 -22.63 -16.30 21.07
N LYS A 162 -23.80 -16.70 20.54
CA LYS A 162 -25.08 -16.42 21.24
CA LYS A 162 -25.10 -16.49 21.20
C LYS A 162 -25.13 -17.23 22.53
N LYS A 163 -24.63 -18.46 22.51
CA LYS A 163 -24.60 -19.33 23.71
C LYS A 163 -23.56 -18.86 24.76
N GLU A 164 -22.36 -18.46 24.31
CA GLU A 164 -21.21 -18.40 25.22
C GLU A 164 -20.77 -16.98 25.51
N MET A 165 -21.21 -15.99 24.70
CA MET A 165 -20.59 -14.66 24.82
C MET A 165 -21.65 -13.62 25.18
N GLN A 166 -21.25 -12.55 25.87
CA GLN A 166 -22.13 -11.43 26.17
CA GLN A 166 -22.16 -11.46 26.16
C GLN A 166 -22.49 -10.69 24.88
N PRO A 167 -23.72 -10.08 24.81
CA PRO A 167 -24.11 -9.40 23.53
C PRO A 167 -23.26 -8.19 23.24
N THR A 168 -22.59 -7.62 24.27
CA THR A 168 -21.66 -6.52 24.06
C THR A 168 -20.21 -6.94 23.72
N HIS A 169 -19.88 -8.25 23.71
CA HIS A 169 -18.52 -8.68 23.38
C HIS A 169 -18.18 -8.24 21.96
N PRO A 170 -17.03 -7.55 21.74
CA PRO A 170 -16.68 -7.03 20.42
C PRO A 170 -16.60 -8.12 19.39
N ILE A 171 -16.13 -9.33 19.76
CA ILE A 171 -16.08 -10.44 18.76
C ILE A 171 -17.49 -10.85 18.33
N ARG A 172 -18.40 -10.93 19.29
CA ARG A 172 -19.79 -11.29 18.95
C ARG A 172 -20.44 -10.20 18.08
N LEU A 173 -20.18 -8.94 18.42
CA LEU A 173 -20.71 -7.83 17.63
C LEU A 173 -20.12 -7.77 16.24
N GLY A 174 -18.80 -8.01 16.13
CA GLY A 174 -18.15 -7.96 14.80
C GLY A 174 -18.59 -9.14 13.93
N LEU A 175 -18.87 -10.28 14.54
CA LEU A 175 -19.46 -11.40 13.78
C LEU A 175 -20.85 -11.03 13.27
N ALA A 176 -21.69 -10.39 14.10
CA ALA A 176 -23.03 -9.95 13.61
C ALA A 176 -22.88 -8.97 12.45
N LEU A 177 -21.93 -8.03 12.60
CA LEU A 177 -21.66 -7.01 11.53
C LEU A 177 -21.33 -7.73 10.23
N ASN A 178 -20.36 -8.66 10.29
CA ASN A 178 -19.92 -9.30 9.03
C ASN A 178 -20.95 -10.26 8.42
N PHE A 179 -21.66 -10.96 9.30
CA PHE A 179 -22.70 -11.90 8.83
C PHE A 179 -23.84 -11.09 8.16
N SER A 180 -24.19 -9.95 8.74
CA SER A 180 -25.23 -9.10 8.17
C SER A 180 -24.75 -8.59 6.78
N VAL A 181 -23.48 -8.21 6.68
CA VAL A 181 -22.88 -7.80 5.34
C VAL A 181 -22.96 -8.97 4.35
N PHE A 182 -22.68 -10.19 4.85
CA PHE A 182 -22.79 -11.38 3.98
C PHE A 182 -24.24 -11.48 3.38
N TYR A 183 -25.25 -11.36 4.27
CA TYR A 183 -26.65 -11.48 3.80
C TYR A 183 -26.98 -10.37 2.84
N TYR A 184 -26.53 -9.13 3.13
CA TYR A 184 -26.85 -8.01 2.21
C TYR A 184 -26.13 -8.11 0.86
N GLU A 185 -24.83 -8.34 0.91
CA GLU A 185 -23.98 -8.16 -0.29
CA GLU A 185 -23.94 -8.19 -0.27
C GLU A 185 -23.87 -9.47 -1.07
N ILE A 186 -23.87 -10.60 -0.37
CA ILE A 186 -23.65 -11.87 -1.08
C ILE A 186 -24.96 -12.57 -1.35
N LEU A 187 -25.85 -12.62 -0.34
CA LEU A 187 -27.12 -13.33 -0.55
C LEU A 187 -28.23 -12.40 -1.04
N ASN A 188 -27.93 -11.11 -1.24
CA ASN A 188 -28.95 -10.18 -1.70
CA ASN A 188 -28.97 -10.17 -1.68
C ASN A 188 -30.25 -10.34 -0.87
N SER A 189 -30.09 -10.45 0.45
CA SER A 189 -31.20 -10.61 1.41
C SER A 189 -31.20 -9.44 2.42
N PRO A 190 -31.60 -8.24 1.98
CA PRO A 190 -31.45 -7.05 2.82
C PRO A 190 -32.37 -7.14 4.03
N GLU A 191 -33.50 -7.85 3.95
CA GLU A 191 -34.37 -7.89 5.12
CA GLU A 191 -34.40 -7.94 5.10
C GLU A 191 -33.74 -8.70 6.25
N LYS A 192 -33.15 -9.84 5.88
CA LYS A 192 -32.42 -10.64 6.88
C LYS A 192 -31.19 -9.89 7.42
N ALA A 193 -30.47 -9.21 6.51
CA ALA A 193 -29.31 -8.40 6.94
C ALA A 193 -29.70 -7.34 7.97
N CYS A 194 -30.76 -6.58 7.68
CA CYS A 194 -31.25 -5.55 8.59
C CYS A 194 -31.70 -6.15 9.89
N SER A 195 -32.47 -7.26 9.84
CA SER A 195 -32.99 -7.87 11.05
CA SER A 195 -33.00 -7.84 11.06
C SER A 195 -31.82 -8.37 11.94
N LEU A 196 -30.82 -9.02 11.35
CA LEU A 196 -29.67 -9.56 12.14
C LEU A 196 -28.90 -8.38 12.78
N ALA A 197 -28.62 -7.33 12.01
CA ALA A 197 -27.86 -6.19 12.50
C ALA A 197 -28.65 -5.44 13.59
N LYS A 198 -29.98 -5.25 13.39
CA LYS A 198 -30.75 -4.52 14.41
CA LYS A 198 -30.78 -4.53 14.40
C LYS A 198 -30.87 -5.32 15.72
N THR A 199 -31.06 -6.63 15.62
CA THR A 199 -31.08 -7.47 16.82
C THR A 199 -29.79 -7.41 17.59
N ALA A 200 -28.67 -7.52 16.88
CA ALA A 200 -27.34 -7.46 17.55
C ALA A 200 -27.15 -6.08 18.27
N PHE A 201 -27.51 -5.00 17.60
CA PHE A 201 -27.46 -3.63 18.18
C PHE A 201 -28.35 -3.53 19.44
N ASP A 202 -29.63 -3.88 19.30
CA ASP A 202 -30.58 -3.81 20.42
C ASP A 202 -30.19 -4.71 21.60
N GLU A 203 -29.68 -5.92 21.35
CA GLU A 203 -29.30 -6.82 22.44
C GLU A 203 -28.11 -6.26 23.22
N ALA A 204 -27.18 -5.58 22.53
CA ALA A 204 -26.02 -4.96 23.19
C ALA A 204 -26.53 -3.76 23.99
N ILE A 205 -27.42 -2.94 23.39
CA ILE A 205 -28.02 -1.83 24.18
C ILE A 205 -28.68 -2.32 25.49
N ALA A 206 -29.41 -3.44 25.41
CA ALA A 206 -30.13 -3.99 26.58
C ALA A 206 -29.20 -4.44 27.75
N GLU A 207 -27.94 -4.75 27.47
CA GLU A 207 -27.08 -5.30 28.52
C GLU A 207 -25.90 -4.40 28.62
N LEU A 208 -26.14 -3.10 28.57
CA LEU A 208 -25.05 -2.14 28.51
C LEU A 208 -24.36 -1.99 29.88
N SER A 215 -12.68 -3.18 26.85
CA SER A 215 -13.23 -3.51 25.51
C SER A 215 -14.44 -2.68 25.01
N TYR A 216 -14.91 -1.74 25.85
CA TYR A 216 -16.11 -0.96 25.52
C TYR A 216 -15.90 0.00 24.31
N LYS A 217 -14.65 0.43 24.09
CA LYS A 217 -14.29 1.26 22.95
C LYS A 217 -14.54 0.47 21.67
N ASP A 218 -14.05 -0.77 21.61
CA ASP A 218 -14.29 -1.64 20.43
C ASP A 218 -15.79 -1.93 20.28
N SER A 219 -16.46 -2.19 21.42
CA SER A 219 -17.89 -2.55 21.37
C SER A 219 -18.74 -1.40 20.79
N THR A 220 -18.55 -0.18 21.30
CA THR A 220 -19.45 0.90 20.88
C THR A 220 -19.08 1.30 19.46
N LEU A 221 -17.82 1.11 19.08
CA LEU A 221 -17.42 1.40 17.70
C LEU A 221 -18.16 0.49 16.72
N ILE A 222 -18.22 -0.80 17.03
CA ILE A 222 -18.89 -1.78 16.12
C ILE A 222 -20.41 -1.56 16.18
N MET A 223 -20.96 -1.22 17.36
CA MET A 223 -22.41 -0.84 17.37
C MET A 223 -22.71 0.29 16.42
N GLN A 224 -21.82 1.30 16.40
CA GLN A 224 -22.02 2.42 15.47
C GLN A 224 -21.98 1.95 14.01
N LEU A 225 -21.05 1.02 13.70
CA LEU A 225 -21.00 0.46 12.33
C LEU A 225 -22.25 -0.30 11.98
N LEU A 226 -22.77 -1.09 12.94
CA LEU A 226 -24.05 -1.84 12.73
C LEU A 226 -25.17 -0.87 12.37
N ARG A 227 -25.32 0.21 13.14
CA ARG A 227 -26.37 1.15 12.85
C ARG A 227 -26.07 1.97 11.55
N ASP A 228 -24.80 2.26 11.24
CA ASP A 228 -24.49 2.91 9.95
C ASP A 228 -24.91 2.05 8.76
N ASN A 229 -24.67 0.74 8.84
CA ASN A 229 -25.15 -0.15 7.75
C ASN A 229 -26.65 -0.15 7.69
N LEU A 230 -27.34 -0.21 8.85
CA LEU A 230 -28.84 -0.15 8.86
C LEU A 230 -29.34 1.12 8.14
N THR A 231 -28.72 2.25 8.44
CA THR A 231 -29.04 3.52 7.80
C THR A 231 -28.82 3.42 6.30
N LEU A 232 -27.68 2.87 5.88
CA LEU A 232 -27.32 2.75 4.45
C LEU A 232 -28.34 1.85 3.75
N TRP A 233 -28.68 0.71 4.38
CA TRP A 233 -29.54 -0.30 3.77
C TRP A 233 -31.03 0.13 3.77
N THR A 234 -31.41 1.08 4.61
CA THR A 234 -32.78 1.54 4.69
C THR A 234 -32.99 2.64 3.64
N SER A 235 -31.92 3.37 3.40
CA SER A 235 -31.87 4.62 2.70
C SER A 235 -31.99 4.38 1.17
N ASP B 7 2.26 -3.48 -29.47
CA ASP B 7 3.13 -3.86 -28.31
C ASP B 7 3.37 -2.68 -27.34
N LYS B 8 4.15 -1.67 -27.75
CA LYS B 8 4.46 -0.50 -26.86
C LYS B 8 3.15 0.08 -26.40
N ASN B 9 2.18 0.24 -27.31
CA ASN B 9 0.89 0.76 -26.89
C ASN B 9 0.17 0.00 -25.81
N GLU B 10 0.20 -1.32 -25.94
CA GLU B 10 -0.44 -2.24 -25.03
C GLU B 10 0.24 -2.15 -23.64
N LEU B 11 1.57 -2.10 -23.60
CA LEU B 11 2.31 -1.96 -22.32
C LEU B 11 2.00 -0.67 -21.58
N VAL B 12 1.89 0.44 -22.33
CA VAL B 12 1.45 1.72 -21.77
C VAL B 12 0.04 1.65 -21.20
N GLN B 13 -0.88 0.94 -21.90
CA GLN B 13 -2.26 0.85 -21.41
C GLN B 13 -2.26 -0.06 -20.13
N LYS B 14 -1.45 -1.13 -20.13
CA LYS B 14 -1.28 -1.98 -18.90
C LYS B 14 -0.68 -1.16 -17.74
N ALA B 15 0.30 -0.29 -18.03
CA ALA B 15 0.85 0.55 -16.98
C ALA B 15 -0.28 1.47 -16.38
N LYS B 16 -1.13 2.03 -17.24
CA LYS B 16 -2.20 2.89 -16.76
C LYS B 16 -3.20 2.11 -15.89
N LEU B 17 -3.49 0.88 -16.28
CA LEU B 17 -4.38 0.00 -15.51
C LEU B 17 -3.78 -0.31 -14.15
N ALA B 18 -2.52 -0.73 -14.15
CA ALA B 18 -1.79 -0.93 -12.89
C ALA B 18 -1.79 0.33 -12.01
N GLU B 19 -1.63 1.52 -12.58
CA GLU B 19 -1.68 2.75 -11.78
C GLU B 19 -3.06 2.92 -11.11
N GLN B 20 -4.14 2.67 -11.86
CA GLN B 20 -5.46 2.80 -11.28
CA GLN B 20 -5.48 2.77 -11.32
C GLN B 20 -5.68 1.76 -10.18
N ALA B 21 -5.09 0.58 -10.35
CA ALA B 21 -5.16 -0.50 -9.32
C ALA B 21 -4.19 -0.30 -8.13
N GLU B 22 -3.37 0.73 -8.16
CA GLU B 22 -2.34 1.03 -7.14
C GLU B 22 -1.33 -0.13 -7.01
N ARG B 23 -1.04 -0.76 -8.14
CA ARG B 23 -0.09 -1.84 -8.20
C ARG B 23 1.17 -1.28 -8.88
N TYR B 24 1.99 -0.56 -8.09
CA TYR B 24 3.09 0.21 -8.69
C TYR B 24 4.27 -0.64 -9.17
N ASP B 25 4.49 -1.79 -8.57
CA ASP B 25 5.51 -2.70 -9.07
C ASP B 25 5.15 -3.19 -10.46
N ASP B 26 3.88 -3.58 -10.66
CA ASP B 26 3.43 -3.93 -12.02
C ASP B 26 3.63 -2.73 -12.99
N MET B 27 3.19 -1.56 -12.54
CA MET B 27 3.32 -0.33 -13.37
C MET B 27 4.77 -0.09 -13.79
N ALA B 28 5.70 -0.22 -12.85
CA ALA B 28 7.10 0.01 -13.16
C ALA B 28 7.65 -1.05 -14.12
N ALA B 29 7.20 -2.32 -14.02
CA ALA B 29 7.74 -3.38 -14.88
C ALA B 29 7.25 -3.06 -16.31
N CYS B 30 5.99 -2.62 -16.43
CA CYS B 30 5.46 -2.21 -17.78
C CYS B 30 6.27 -1.10 -18.40
N MET B 31 6.55 -0.03 -17.62
CA MET B 31 7.28 1.12 -18.18
C MET B 31 8.78 0.85 -18.40
N LYS B 32 9.38 -0.01 -17.58
CA LYS B 32 10.75 -0.51 -17.83
C LYS B 32 10.78 -1.20 -19.22
N SER B 33 9.81 -2.09 -19.48
CA SER B 33 9.78 -2.76 -20.78
CA SER B 33 9.71 -2.78 -20.78
C SER B 33 9.59 -1.77 -21.89
N VAL B 34 8.70 -0.78 -21.71
CA VAL B 34 8.58 0.28 -22.74
C VAL B 34 9.91 0.97 -23.00
N THR B 35 10.60 1.40 -21.94
CA THR B 35 11.86 2.11 -22.07
C THR B 35 12.90 1.24 -22.83
N GLU B 36 12.88 -0.06 -22.52
CA GLU B 36 13.88 -0.98 -23.09
C GLU B 36 13.68 -1.20 -24.58
N GLN B 37 12.52 -0.78 -25.12
CA GLN B 37 12.33 -0.84 -26.57
C GLN B 37 13.22 0.19 -27.30
N GLY B 38 13.79 1.15 -26.55
CA GLY B 38 14.87 2.01 -27.05
C GLY B 38 14.44 3.24 -27.80
N ALA B 39 13.16 3.50 -27.91
CA ALA B 39 12.70 4.76 -28.52
C ALA B 39 12.51 5.85 -27.44
N GLU B 40 12.83 7.10 -27.81
CA GLU B 40 12.61 8.24 -26.95
C GLU B 40 11.15 8.21 -26.37
N LEU B 41 11.01 8.34 -25.04
CA LEU B 41 9.66 8.35 -24.43
C LEU B 41 8.95 9.67 -24.65
N SER B 42 7.60 9.62 -24.82
CA SER B 42 6.77 10.82 -24.84
C SER B 42 6.68 11.40 -23.38
N ASN B 43 6.17 12.62 -23.28
CA ASN B 43 5.88 13.19 -21.98
CA ASN B 43 5.88 13.20 -21.97
C ASN B 43 4.96 12.27 -21.13
N GLU B 44 3.92 11.75 -21.74
CA GLU B 44 3.03 10.84 -21.01
C GLU B 44 3.79 9.59 -20.50
N GLU B 45 4.64 8.99 -21.34
CA GLU B 45 5.38 7.78 -20.97
C GLU B 45 6.41 8.08 -19.90
N ARG B 46 7.15 9.16 -20.08
CA ARG B 46 8.13 9.64 -19.11
CA ARG B 46 8.15 9.55 -19.06
CA ARG B 46 8.14 9.41 -19.04
C ARG B 46 7.48 9.78 -17.71
N ASN B 47 6.33 10.43 -17.73
CA ASN B 47 5.64 10.70 -16.45
C ASN B 47 5.12 9.38 -15.82
N LEU B 48 4.67 8.42 -16.62
CA LEU B 48 4.26 7.10 -16.08
C LEU B 48 5.44 6.38 -15.47
N LEU B 49 6.57 6.37 -16.16
CA LEU B 49 7.77 5.73 -15.63
C LEU B 49 8.19 6.41 -14.30
N SER B 50 8.22 7.74 -14.27
CA SER B 50 8.66 8.49 -13.11
C SER B 50 7.68 8.16 -11.91
N VAL B 51 6.36 8.19 -12.16
CA VAL B 51 5.39 7.94 -11.12
C VAL B 51 5.53 6.52 -10.54
N ALA B 52 5.70 5.54 -11.41
CA ALA B 52 5.76 4.16 -11.05
C ALA B 52 6.96 3.97 -10.10
N TYR B 53 8.15 4.39 -10.52
CA TYR B 53 9.35 4.10 -9.72
C TYR B 53 9.40 4.96 -8.45
N LYS B 54 8.87 6.20 -8.49
CA LYS B 54 8.86 7.04 -7.28
CA LYS B 54 8.82 7.05 -7.29
C LYS B 54 8.03 6.33 -6.19
N ASN B 55 6.89 5.74 -6.59
CA ASN B 55 6.08 4.95 -5.64
C ASN B 55 6.76 3.69 -5.12
N VAL B 56 7.41 2.94 -6.03
CA VAL B 56 8.04 1.67 -5.70
C VAL B 56 9.22 1.95 -4.75
N VAL B 57 10.07 2.91 -5.10
CA VAL B 57 11.23 3.22 -4.23
C VAL B 57 10.73 3.91 -2.93
N GLY B 58 9.65 4.70 -3.01
CA GLY B 58 9.11 5.47 -1.86
C GLY B 58 8.64 4.52 -0.76
N ALA B 59 8.01 3.43 -1.16
CA ALA B 59 7.57 2.40 -0.16
C ALA B 59 8.80 1.84 0.60
N ARG B 60 9.88 1.54 -0.12
CA ARG B 60 11.06 0.97 0.53
C ARG B 60 11.76 2.05 1.41
N ARG B 61 11.84 3.29 0.92
CA ARG B 61 12.51 4.36 1.71
C ARG B 61 11.75 4.58 3.01
N SER B 62 10.41 4.55 2.92
CA SER B 62 9.57 4.74 4.12
C SER B 62 9.77 3.60 5.12
N SER B 63 9.82 2.35 4.63
CA SER B 63 10.03 1.18 5.53
C SER B 63 11.43 1.24 6.13
N TRP B 64 12.42 1.61 5.30
CA TRP B 64 13.83 1.72 5.77
C TRP B 64 13.96 2.73 6.93
N ARG B 65 13.31 3.88 6.82
CA ARG B 65 13.40 4.89 7.87
CA ARG B 65 13.38 4.91 7.87
C ARG B 65 12.80 4.40 9.18
N VAL B 66 11.66 3.69 9.07
CA VAL B 66 10.99 3.10 10.25
C VAL B 66 11.93 2.07 10.89
N VAL B 67 12.44 1.14 10.10
CA VAL B 67 13.25 0.02 10.67
C VAL B 67 14.62 0.51 11.15
N SER B 68 15.26 1.39 10.35
CA SER B 68 16.56 2.01 10.69
C SER B 68 16.54 2.64 12.06
N SER B 69 15.51 3.41 12.31
CA SER B 69 15.28 4.04 13.60
C SER B 69 15.06 3.09 14.80
N ILE B 70 14.30 2.03 14.59
CA ILE B 70 14.09 0.99 15.59
C ILE B 70 15.44 0.37 15.92
N GLU B 71 16.23 0.07 14.89
CA GLU B 71 17.58 -0.46 15.12
C GLU B 71 18.43 0.51 15.97
N GLN B 72 18.33 1.80 15.67
CA GLN B 72 19.07 2.84 16.44
C GLN B 72 18.56 3.12 17.87
N LYS B 73 17.28 2.91 18.15
CA LYS B 73 16.75 3.10 19.49
C LYS B 73 16.80 1.85 20.41
N THR B 74 17.37 0.74 19.95
CA THR B 74 17.32 -0.52 20.71
C THR B 74 18.53 -0.70 21.60
N ALA B 77 18.42 -4.34 24.01
CA ALA B 77 18.83 -5.74 23.84
C ALA B 77 19.99 -5.85 22.84
N GLU B 78 20.30 -7.09 22.44
CA GLU B 78 21.25 -7.38 21.35
C GLU B 78 20.58 -8.26 20.29
N LYS B 79 19.71 -9.20 20.71
CA LYS B 79 18.97 -10.08 19.79
C LYS B 79 18.00 -9.26 18.90
N LYS B 80 17.36 -8.28 19.53
CA LYS B 80 16.36 -7.41 18.91
C LYS B 80 17.04 -6.41 17.97
N GLN B 81 18.14 -5.78 18.41
CA GLN B 81 18.93 -4.88 17.54
C GLN B 81 19.37 -5.54 16.26
N GLN B 82 19.89 -6.75 16.41
CA GLN B 82 20.35 -7.55 15.29
C GLN B 82 19.23 -7.95 14.32
N MET B 83 18.04 -8.25 14.87
CA MET B 83 16.91 -8.55 13.99
C MET B 83 16.55 -7.33 13.12
N ALA B 84 16.47 -6.17 13.78
CA ALA B 84 16.16 -4.92 13.12
C ALA B 84 17.24 -4.63 12.07
N ARG B 85 18.50 -4.72 12.47
CA ARG B 85 19.60 -4.59 11.54
C ARG B 85 19.49 -5.48 10.29
N GLU B 86 19.22 -6.78 10.46
CA GLU B 86 19.12 -7.69 9.30
C GLU B 86 17.89 -7.35 8.42
N TYR B 87 16.83 -6.91 9.05
CA TYR B 87 15.64 -6.53 8.32
C TYR B 87 15.89 -5.22 7.55
N ARG B 88 16.52 -4.22 8.20
CA ARG B 88 17.01 -3.02 7.50
C ARG B 88 17.86 -3.37 6.25
N GLU B 89 18.82 -4.26 6.41
CA GLU B 89 19.64 -4.73 5.31
C GLU B 89 18.85 -5.35 4.14
N LYS B 90 17.79 -6.06 4.44
CA LYS B 90 16.95 -6.75 3.46
C LYS B 90 16.18 -5.68 2.64
N ILE B 91 15.63 -4.72 3.37
CA ILE B 91 14.89 -3.60 2.72
C ILE B 91 15.87 -2.77 1.92
N GLU B 92 17.06 -2.51 2.49
CA GLU B 92 18.11 -1.78 1.77
C GLU B 92 18.46 -2.42 0.44
N THR B 93 18.61 -3.75 0.44
CA THR B 93 18.89 -4.43 -0.82
C THR B 93 17.79 -4.27 -1.86
N GLU B 94 16.53 -4.37 -1.43
CA GLU B 94 15.44 -4.05 -2.35
C GLU B 94 15.56 -2.65 -2.90
N LEU B 95 15.87 -1.69 -2.03
CA LEU B 95 15.87 -0.27 -2.42
C LEU B 95 17.03 -0.03 -3.40
N ARG B 96 18.18 -0.63 -3.10
CA ARG B 96 19.37 -0.47 -3.95
CA ARG B 96 19.34 -0.42 -3.95
C ARG B 96 19.11 -1.05 -5.34
N ASP B 97 18.48 -2.22 -5.36
CA ASP B 97 18.18 -2.87 -6.67
C ASP B 97 17.24 -2.00 -7.51
N ILE B 98 16.28 -1.36 -6.86
CA ILE B 98 15.34 -0.46 -7.58
C ILE B 98 16.10 0.75 -8.16
N CYS B 99 16.87 1.45 -7.31
CA CYS B 99 17.68 2.59 -7.75
C CYS B 99 18.60 2.17 -8.90
N ASN B 100 19.31 1.05 -8.76
CA ASN B 100 20.24 0.63 -9.84
C ASN B 100 19.49 0.36 -11.14
N ASP B 101 18.28 -0.20 -11.04
CA ASP B 101 17.46 -0.48 -12.22
CA ASP B 101 17.43 -0.47 -12.18
C ASP B 101 17.12 0.85 -12.93
N VAL B 102 16.65 1.84 -12.17
CA VAL B 102 16.32 3.17 -12.75
C VAL B 102 17.55 3.85 -13.32
N LEU B 103 18.65 3.82 -12.56
CA LEU B 103 19.87 4.48 -13.03
C LEU B 103 20.40 3.81 -14.30
N SER B 104 20.17 2.49 -14.40
CA SER B 104 20.61 1.80 -15.64
C SER B 104 19.75 2.22 -16.84
N LEU B 105 18.44 2.37 -16.63
CA LEU B 105 17.53 2.90 -17.69
C LEU B 105 17.92 4.30 -18.12
N LEU B 106 18.31 5.14 -17.13
CA LEU B 106 18.73 6.50 -17.41
C LEU B 106 19.99 6.51 -18.26
N GLU B 107 20.95 5.66 -17.92
CA GLU B 107 22.27 5.66 -18.67
C GLU B 107 22.14 5.11 -20.05
N LYS B 108 21.36 4.06 -20.16
CA LYS B 108 21.37 3.27 -21.39
C LYS B 108 20.40 3.79 -22.41
N PHE B 109 19.27 4.40 -21.96
CA PHE B 109 18.19 4.74 -22.87
C PHE B 109 17.74 6.17 -22.77
N LEU B 110 17.39 6.60 -21.55
CA LEU B 110 16.67 7.88 -21.41
C LEU B 110 17.55 9.10 -21.70
N ILE B 111 18.70 9.16 -21.05
CA ILE B 111 19.51 10.36 -21.16
C ILE B 111 20.08 10.42 -22.61
N PRO B 112 20.59 9.29 -23.17
CA PRO B 112 21.12 9.38 -24.57
C PRO B 112 20.07 9.75 -25.65
N ASN B 113 18.83 9.32 -25.50
CA ASN B 113 17.79 9.70 -26.46
C ASN B 113 17.07 11.03 -26.21
N ALA B 114 17.35 11.73 -25.10
CA ALA B 114 16.61 12.96 -24.79
C ALA B 114 16.92 14.09 -25.77
N SER B 115 15.94 14.41 -26.62
CA SER B 115 16.18 15.33 -27.75
C SER B 115 15.88 16.79 -27.43
N GLN B 116 15.28 17.05 -26.26
CA GLN B 116 14.94 18.42 -25.87
C GLN B 116 15.51 18.78 -24.49
N ALA B 117 15.73 20.06 -24.26
CA ALA B 117 16.34 20.51 -22.99
C ALA B 117 15.43 20.08 -21.86
N GLU B 118 14.12 20.17 -22.05
CA GLU B 118 13.16 19.84 -21.01
C GLU B 118 13.33 18.40 -20.55
N SER B 119 13.41 17.47 -21.50
CA SER B 119 13.61 16.09 -21.11
C SER B 119 15.00 15.79 -20.57
N LYS B 120 16.01 16.47 -21.07
CA LYS B 120 17.39 16.28 -20.55
C LYS B 120 17.40 16.68 -19.07
N VAL B 121 16.79 17.82 -18.76
CA VAL B 121 16.69 18.28 -17.34
C VAL B 121 15.86 17.28 -16.53
N PHE B 122 14.73 16.87 -17.06
CA PHE B 122 13.90 15.85 -16.37
C PHE B 122 14.69 14.59 -15.98
N TYR B 123 15.45 14.04 -16.94
CA TYR B 123 16.17 12.80 -16.67
C TYR B 123 17.42 13.00 -15.78
N LEU B 124 18.13 14.12 -15.96
CA LEU B 124 19.26 14.43 -15.11
C LEU B 124 18.78 14.68 -13.67
N LYS B 125 17.62 15.31 -13.50
CA LYS B 125 17.05 15.41 -12.14
C LYS B 125 16.77 13.99 -11.58
N MET B 126 16.16 13.12 -12.39
CA MET B 126 15.85 11.78 -11.94
C MET B 126 17.15 11.07 -11.52
N LYS B 127 18.21 11.24 -12.30
CA LYS B 127 19.47 10.61 -11.99
C LYS B 127 19.99 11.14 -10.65
N GLY B 128 19.95 12.45 -10.50
CA GLY B 128 20.26 13.11 -9.17
C GLY B 128 19.43 12.49 -8.02
N ASP B 129 18.12 12.35 -8.21
CA ASP B 129 17.23 11.77 -7.20
C ASP B 129 17.62 10.34 -6.84
N TYR B 130 17.82 9.48 -7.85
CA TYR B 130 18.05 8.06 -7.52
C TYR B 130 19.44 7.84 -6.85
N TYR B 131 20.45 8.60 -7.27
CA TYR B 131 21.77 8.60 -6.46
C TYR B 131 21.58 9.19 -5.07
N ARG B 132 20.77 10.23 -4.94
CA ARG B 132 20.42 10.73 -3.59
C ARG B 132 19.75 9.65 -2.73
N TYR B 133 18.83 8.86 -3.29
CA TYR B 133 18.24 7.74 -2.46
C TYR B 133 19.32 6.74 -2.12
N LEU B 134 20.23 6.45 -3.05
CA LEU B 134 21.38 5.57 -2.71
C LEU B 134 22.21 6.18 -1.60
N ALA B 135 22.45 7.49 -1.68
CA ALA B 135 23.21 8.20 -0.63
C ALA B 135 22.57 8.10 0.72
N GLU B 136 21.21 8.16 0.78
CA GLU B 136 20.50 8.08 2.08
C GLU B 136 20.85 6.80 2.88
N VAL B 137 21.08 5.70 2.18
CA VAL B 137 21.41 4.42 2.84
C VAL B 137 22.90 3.98 2.71
N ALA B 138 23.78 4.82 2.15
CA ALA B 138 25.16 4.33 1.87
C ALA B 138 26.04 4.32 3.15
N ASP B 142 32.19 4.18 0.18
CA ASP B 142 31.22 4.19 -0.98
C ASP B 142 30.31 5.44 -1.05
N LYS B 143 30.03 6.06 0.08
CA LYS B 143 29.07 7.15 0.14
C LYS B 143 29.59 8.41 -0.61
N LYS B 144 30.86 8.73 -0.43
CA LYS B 144 31.43 9.88 -1.16
C LYS B 144 31.19 9.82 -2.65
N GLY B 145 31.46 8.67 -3.26
CA GLY B 145 31.31 8.53 -4.72
C GLY B 145 29.84 8.68 -5.14
N ILE B 146 28.95 8.17 -4.32
CA ILE B 146 27.49 8.20 -4.65
C ILE B 146 26.97 9.64 -4.56
N VAL B 147 27.37 10.31 -3.50
CA VAL B 147 27.03 11.72 -3.26
C VAL B 147 27.50 12.59 -4.41
N ASP B 148 28.69 12.30 -4.93
CA ASP B 148 29.22 13.13 -6.01
CA ASP B 148 29.25 13.10 -6.03
C ASP B 148 28.48 12.87 -7.32
N GLN B 149 28.09 11.64 -7.55
CA GLN B 149 27.31 11.31 -8.74
CA GLN B 149 27.30 11.33 -8.75
C GLN B 149 25.95 12.06 -8.70
N SER B 150 25.34 12.11 -7.53
CA SER B 150 24.08 12.85 -7.32
C SER B 150 24.27 14.32 -7.59
N GLN B 151 25.28 14.91 -6.93
CA GLN B 151 25.57 16.34 -7.06
C GLN B 151 25.87 16.71 -8.53
N GLN B 152 26.65 15.87 -9.23
CA GLN B 152 27.04 16.19 -10.63
C GLN B 152 25.82 16.15 -11.55
N ALA B 153 24.90 15.21 -11.32
CA ALA B 153 23.65 15.09 -12.17
C ALA B 153 22.77 16.31 -11.92
N TYR B 154 22.54 16.65 -10.62
CA TYR B 154 21.75 17.84 -10.30
C TYR B 154 22.36 19.11 -10.88
N GLN B 155 23.69 19.26 -10.77
CA GLN B 155 24.37 20.50 -11.18
C GLN B 155 24.21 20.68 -12.71
N GLU B 156 24.37 19.60 -13.47
CA GLU B 156 24.23 19.75 -14.93
C GLU B 156 22.76 20.09 -15.30
N ALA B 157 21.80 19.35 -14.68
CA ALA B 157 20.37 19.70 -14.83
C ALA B 157 20.12 21.19 -14.52
N PHE B 158 20.73 21.67 -13.43
CA PHE B 158 20.50 23.02 -12.89
C PHE B 158 20.99 24.05 -13.90
N GLU B 159 22.16 23.81 -14.46
CA GLU B 159 22.72 24.74 -15.46
C GLU B 159 21.89 24.77 -16.72
N ILE B 160 21.49 23.60 -17.22
CA ILE B 160 20.65 23.55 -18.40
C ILE B 160 19.31 24.27 -18.15
N SER B 161 18.71 24.03 -16.99
CA SER B 161 17.35 24.57 -16.75
C SER B 161 17.42 26.11 -16.66
N LYS B 162 18.52 26.62 -16.09
CA LYS B 162 18.72 28.08 -16.01
C LYS B 162 18.89 28.75 -17.37
N LYS B 163 19.51 28.04 -18.28
CA LYS B 163 19.78 28.55 -19.64
C LYS B 163 18.53 28.38 -20.50
N GLU B 164 17.78 27.28 -20.37
CA GLU B 164 16.71 26.97 -21.37
C GLU B 164 15.26 27.09 -20.92
N MET B 165 15.02 27.21 -19.60
CA MET B 165 13.66 27.18 -19.05
C MET B 165 13.33 28.43 -18.26
N GLN B 166 12.04 28.84 -18.26
CA GLN B 166 11.59 30.01 -17.48
C GLN B 166 11.63 29.66 -16.01
N PRO B 167 11.79 30.64 -15.13
CA PRO B 167 11.83 30.37 -13.68
C PRO B 167 10.53 29.82 -13.11
N THR B 168 9.43 29.90 -13.87
CA THR B 168 8.14 29.32 -13.43
C THR B 168 7.92 27.91 -14.00
N HIS B 169 8.86 27.38 -14.81
CA HIS B 169 8.63 26.05 -15.39
C HIS B 169 8.63 24.98 -14.28
N PRO B 170 7.59 24.14 -14.21
CA PRO B 170 7.51 23.20 -13.07
C PRO B 170 8.72 22.25 -12.98
N ILE B 171 9.31 21.88 -14.11
CA ILE B 171 10.47 20.98 -14.05
C ILE B 171 11.68 21.73 -13.47
N ARG B 172 11.86 22.98 -13.87
CA ARG B 172 12.94 23.76 -13.29
C ARG B 172 12.73 23.97 -11.76
N LEU B 173 11.50 24.31 -11.35
CA LEU B 173 11.22 24.49 -9.91
C LEU B 173 11.42 23.20 -9.11
N GLY B 174 10.94 22.08 -9.68
CA GLY B 174 11.05 20.77 -9.01
C GLY B 174 12.53 20.36 -8.86
N LEU B 175 13.36 20.71 -9.85
CA LEU B 175 14.78 20.49 -9.76
C LEU B 175 15.39 21.34 -8.63
N ALA B 176 15.02 22.62 -8.55
CA ALA B 176 15.53 23.45 -7.46
C ALA B 176 15.11 22.91 -6.09
N LEU B 177 13.84 22.50 -5.96
CA LEU B 177 13.39 21.87 -4.70
C LEU B 177 14.25 20.68 -4.31
N ASN B 178 14.44 19.73 -5.25
CA ASN B 178 15.19 18.51 -4.90
C ASN B 178 16.68 18.76 -4.66
N PHE B 179 17.27 19.67 -5.46
CA PHE B 179 18.72 19.96 -5.29
C PHE B 179 18.91 20.68 -3.91
N SER B 180 17.94 21.52 -3.52
CA SER B 180 18.00 22.22 -2.23
CA SER B 180 18.01 22.21 -2.25
C SER B 180 17.93 21.19 -1.12
N VAL B 181 17.00 20.20 -1.26
CA VAL B 181 16.89 19.09 -0.27
C VAL B 181 18.24 18.30 -0.21
N PHE B 182 18.84 18.03 -1.38
CA PHE B 182 20.16 17.37 -1.42
C PHE B 182 21.21 18.14 -0.59
N TYR B 183 21.28 19.46 -0.80
CA TYR B 183 22.25 20.28 -0.05
C TYR B 183 21.97 20.23 1.45
N TYR B 184 20.69 20.27 1.83
CA TYR B 184 20.30 20.30 3.23
C TYR B 184 20.61 19.00 3.93
N GLU B 185 20.17 17.90 3.34
CA GLU B 185 20.04 16.63 4.03
C GLU B 185 21.22 15.70 3.70
N ILE B 186 21.81 15.83 2.52
CA ILE B 186 22.87 14.89 2.14
C ILE B 186 24.18 15.60 2.34
N LEU B 187 24.32 16.85 1.87
CA LEU B 187 25.59 17.53 1.98
C LEU B 187 25.79 18.27 3.30
N ASN B 188 24.77 18.28 4.12
CA ASN B 188 24.73 19.07 5.34
C ASN B 188 25.17 20.51 5.12
N SER B 189 24.58 21.15 4.10
CA SER B 189 24.91 22.55 3.80
C SER B 189 23.63 23.33 3.83
N PRO B 190 23.12 23.61 5.01
CA PRO B 190 21.78 24.24 5.12
C PRO B 190 21.71 25.64 4.49
N GLU B 191 22.78 26.42 4.62
CA GLU B 191 22.77 27.78 4.07
C GLU B 191 22.65 27.77 2.55
N LYS B 192 23.39 26.86 1.89
CA LYS B 192 23.29 26.73 0.42
C LYS B 192 21.88 26.19 0.03
N ALA B 193 21.34 25.29 0.84
CA ALA B 193 19.96 24.79 0.58
C ALA B 193 18.95 25.94 0.65
N CYS B 194 19.06 26.81 1.66
CA CYS B 194 18.11 27.90 1.81
C CYS B 194 18.32 28.95 0.73
N SER B 195 19.60 29.21 0.38
CA SER B 195 19.94 30.17 -0.65
C SER B 195 19.28 29.72 -2.00
N LEU B 196 19.46 28.45 -2.33
CA LEU B 196 18.99 27.90 -3.63
C LEU B 196 17.45 27.94 -3.65
N ALA B 197 16.81 27.54 -2.56
CA ALA B 197 15.36 27.51 -2.53
C ALA B 197 14.73 28.92 -2.55
N LYS B 198 15.32 29.86 -1.82
CA LYS B 198 14.77 31.23 -1.79
C LYS B 198 14.91 31.90 -3.18
N THR B 199 16.05 31.70 -3.84
CA THR B 199 16.22 32.28 -5.18
C THR B 199 15.19 31.69 -6.15
N ALA B 200 15.00 30.36 -6.09
CA ALA B 200 14.03 29.72 -7.00
C ALA B 200 12.62 30.27 -6.73
N PHE B 201 12.23 30.35 -5.47
CA PHE B 201 10.88 30.91 -5.11
C PHE B 201 10.76 32.34 -5.57
N ASP B 202 11.76 33.17 -5.23
CA ASP B 202 11.70 34.61 -5.60
C ASP B 202 11.71 34.91 -7.10
N GLU B 203 12.52 34.20 -7.88
CA GLU B 203 12.50 34.38 -9.32
C GLU B 203 11.21 33.95 -10.00
N ALA B 204 10.54 32.91 -9.48
CA ALA B 204 9.25 32.46 -10.01
C ALA B 204 8.14 33.48 -9.63
N ILE B 205 8.13 33.97 -8.39
CA ILE B 205 7.19 35.05 -7.99
C ILE B 205 7.32 36.28 -8.91
N ALA B 206 8.56 36.64 -9.25
CA ALA B 206 8.83 37.78 -10.14
C ALA B 206 8.21 37.62 -11.53
N GLU B 207 8.09 36.41 -12.07
CA GLU B 207 7.54 36.21 -13.42
C GLU B 207 6.19 35.54 -13.40
N LEU B 208 5.39 35.71 -12.36
CA LEU B 208 4.02 35.15 -12.42
C LEU B 208 3.12 35.96 -13.37
N LEU B 211 3.55 32.01 -16.89
CA LEU B 211 2.86 30.77 -16.54
C LEU B 211 1.68 30.56 -17.47
N SER B 212 1.59 29.39 -18.10
CA SER B 212 0.38 29.05 -18.88
C SER B 212 -0.65 28.25 -18.03
N GLU B 213 -1.90 28.24 -18.50
CA GLU B 213 -3.04 27.45 -17.94
C GLU B 213 -2.62 26.07 -17.39
N GLU B 214 -2.00 25.24 -18.25
CA GLU B 214 -1.68 23.86 -17.91
C GLU B 214 -0.56 23.74 -16.82
N SER B 215 0.12 24.84 -16.49
CA SER B 215 1.17 24.76 -15.47
C SER B 215 0.92 25.50 -14.14
N TYR B 216 -0.09 26.41 -14.07
CA TYR B 216 -0.49 27.10 -12.81
C TYR B 216 -0.28 26.24 -11.61
N LYS B 217 -1.01 25.13 -11.60
CA LYS B 217 -1.18 24.30 -10.44
C LYS B 217 0.13 23.64 -10.08
N ASP B 218 0.83 23.06 -11.05
CA ASP B 218 2.03 22.32 -10.70
C ASP B 218 3.15 23.28 -10.26
N SER B 219 3.37 24.39 -10.98
CA SER B 219 4.44 25.34 -10.57
C SER B 219 4.17 25.92 -9.19
N THR B 220 2.92 26.34 -8.96
CA THR B 220 2.65 26.97 -7.66
C THR B 220 2.66 25.96 -6.53
N LEU B 221 2.29 24.70 -6.79
CA LEU B 221 2.43 23.68 -5.73
C LEU B 221 3.92 23.51 -5.32
N ILE B 222 4.81 23.47 -6.31
CA ILE B 222 6.25 23.33 -5.99
C ILE B 222 6.73 24.61 -5.25
N MET B 223 6.28 25.81 -5.69
CA MET B 223 6.56 27.03 -4.93
C MET B 223 6.17 26.94 -3.51
N GLN B 224 4.99 26.39 -3.22
CA GLN B 224 4.56 26.26 -1.80
C GLN B 224 5.50 25.34 -1.01
N LEU B 225 5.97 24.28 -1.66
CA LEU B 225 6.91 23.32 -0.97
C LEU B 225 8.24 23.97 -0.72
N LEU B 226 8.73 24.77 -1.70
CA LEU B 226 9.99 25.51 -1.49
C LEU B 226 9.87 26.42 -0.28
N ARG B 227 8.75 27.17 -0.16
CA ARG B 227 8.60 28.11 0.96
C ARG B 227 8.42 27.35 2.30
N ASP B 228 7.71 26.22 2.25
CA ASP B 228 7.49 25.37 3.45
C ASP B 228 8.83 24.84 3.97
N ASN B 229 9.67 24.39 3.03
CA ASN B 229 11.07 23.98 3.43
C ASN B 229 11.85 25.13 4.06
N LEU B 230 11.80 26.30 3.43
CA LEU B 230 12.48 27.51 3.99
C LEU B 230 11.98 27.82 5.39
N THR B 231 10.65 27.73 5.58
CA THR B 231 10.04 27.96 6.91
C THR B 231 10.64 26.94 7.91
N LEU B 232 10.67 25.67 7.51
CA LEU B 232 11.19 24.59 8.36
C LEU B 232 12.66 24.77 8.70
N TRP B 233 13.45 25.11 7.68
CA TRP B 233 14.89 25.20 7.85
C TRP B 233 15.30 26.50 8.56
N THR B 234 14.39 27.47 8.67
CA THR B 234 14.66 28.76 9.36
C THR B 234 14.16 28.71 10.83
N SER B 235 13.19 27.83 11.05
CA SER B 235 12.44 27.58 12.27
C SER B 235 12.59 26.11 12.48
N HIS C 2 8.15 17.93 8.60
CA HIS C 2 9.34 17.43 7.81
C HIS C 2 9.48 18.06 6.39
N ARG C 3 10.66 17.86 5.80
CA ARG C 3 10.95 18.56 4.51
C ARG C 3 10.34 17.79 3.33
N TYR C 4 10.09 18.51 2.26
CA TYR C 4 9.42 17.93 1.13
C TYR C 4 10.32 17.97 -0.09
N THR C 6 9.98 16.81 -4.48
CA THR C 6 8.91 16.83 -5.51
C THR C 6 7.96 15.65 -5.36
N PRO C 7 6.64 15.92 -5.43
CA PRO C 7 5.71 14.80 -5.58
C PRO C 7 5.53 14.35 -7.08
N ARG C 28 -19.93 -1.39 -0.49
CA ARG C 28 -20.08 -0.14 0.24
C ARG C 28 -20.54 -0.33 1.72
N SER C 29 -20.97 -1.55 2.09
CA SER C 29 -21.34 -1.78 3.52
C SER C 29 -20.00 -1.89 4.24
N THR C 30 -19.99 -1.49 5.50
CA THR C 30 -18.78 -1.60 6.32
C THR C 30 -18.77 -2.96 7.05
N THR C 32 -16.03 -5.53 9.72
CA THR C 32 -15.21 -5.32 10.96
C THR C 32 -13.81 -4.82 10.56
N PRO C 33 -13.36 -3.68 11.15
CA PRO C 33 -11.97 -3.24 10.89
C PRO C 33 -10.99 -3.97 11.86
N ASN C 34 -9.68 -3.80 11.58
CA ASN C 34 -8.58 -4.17 12.52
C ASN C 34 -8.78 -3.43 13.86
N VAL C 35 -8.44 -4.06 14.98
CA VAL C 35 -8.62 -3.44 16.31
C VAL C 35 -7.59 -2.32 16.61
#